data_8CPQ
#
_entry.id   8CPQ
#
_cell.length_a   57.384
_cell.length_b   96.855
_cell.length_c   63.321
_cell.angle_alpha   90.00
_cell.angle_beta   90.00
_cell.angle_gamma   90.00
#
_symmetry.space_group_name_H-M   'C 2 2 21'
#
loop_
_entity.id
_entity.type
_entity.pdbx_description
1 polymer 'Protein disulfide-isomerase A6'
2 water water
#
_entity_poly.entity_id   1
_entity_poly.type   'polypeptide(L)'
_entity_poly.pdbx_seq_one_letter_code
;MGSSHHHHHHSSGENLYFQSPPPELLEIINEDIAKRTCEEHQLCVVAVLPHILDTGAAGRNSYLEVLLKLADKYKKKMWG
WLWTEAGAQSELETALGIGGFGYPAMAAINARKMKFALLKGSFSEQGINEFLRELSFGRGSTAPVGGGAFPTIVEREPWD
GRDGELPVEDDIDL
;
_entity_poly.pdbx_strand_id   A
#
# COMPACT_ATOMS: atom_id res chain seq x y z
N TYR A 17 19.26 -6.81 -20.79
CA TYR A 17 19.33 -5.36 -20.72
C TYR A 17 17.94 -4.75 -20.72
N PHE A 18 17.11 -5.22 -21.64
CA PHE A 18 15.75 -4.68 -21.81
C PHE A 18 14.84 -5.29 -20.74
N GLN A 19 15.12 -4.90 -19.51
CA GLN A 19 14.31 -5.23 -18.34
C GLN A 19 14.01 -3.93 -17.61
N SER A 20 12.82 -3.84 -17.02
CA SER A 20 12.41 -2.65 -16.30
C SER A 20 13.06 -2.63 -14.92
N PRO A 21 13.07 -1.47 -14.26
CA PRO A 21 13.85 -1.32 -13.03
C PRO A 21 13.29 -2.17 -11.90
N PRO A 22 14.05 -2.37 -10.83
CA PRO A 22 13.56 -3.20 -9.72
C PRO A 22 12.40 -2.53 -9.00
N PRO A 23 11.51 -3.31 -8.40
CA PRO A 23 10.45 -2.69 -7.58
C PRO A 23 11.04 -1.89 -6.44
N GLU A 24 10.28 -0.91 -5.95
CA GLU A 24 10.62 -0.25 -4.70
C GLU A 24 9.41 -0.26 -3.79
N LEU A 25 9.64 -0.55 -2.52
CA LEU A 25 8.63 -0.52 -1.47
C LEU A 25 8.96 0.66 -0.58
N LEU A 26 8.18 1.73 -0.68
CA LEU A 26 8.49 2.98 -0.01
C LEU A 26 7.50 3.24 1.12
N GLU A 27 8.03 3.60 2.29
CA GLU A 27 7.19 4.13 3.36
C GLU A 27 6.70 5.52 2.98
N ILE A 28 5.43 5.78 3.28
CA ILE A 28 4.84 7.07 2.94
C ILE A 28 5.32 8.12 3.93
N ILE A 29 6.45 8.77 3.61
CA ILE A 29 7.03 9.79 4.48
C ILE A 29 6.70 11.21 4.06
N ASN A 30 6.15 11.41 2.87
CA ASN A 30 5.71 12.73 2.45
C ASN A 30 4.83 12.58 1.22
N GLU A 31 4.23 13.70 0.81
CA GLU A 31 3.25 13.67 -0.28
C GLU A 31 3.92 13.38 -1.62
N ASP A 32 5.12 13.90 -1.84
CA ASP A 32 5.80 13.69 -3.12
C ASP A 32 6.03 12.21 -3.36
N ILE A 33 6.51 11.49 -2.36
CA ILE A 33 6.74 10.05 -2.50
C ILE A 33 5.44 9.34 -2.87
N ALA A 34 4.38 9.64 -2.13
CA ALA A 34 3.10 8.96 -2.35
C ALA A 34 2.52 9.30 -3.72
N LYS A 35 2.41 10.59 -4.05
CA LYS A 35 1.75 10.99 -5.28
C LYS A 35 2.57 10.58 -6.51
N ARG A 36 3.89 10.78 -6.48
CA ARG A 36 4.71 10.38 -7.62
C ARG A 36 4.65 8.87 -7.83
N THR A 37 4.67 8.08 -6.76
CA THR A 37 4.57 6.64 -6.92
C THR A 37 3.26 6.25 -7.60
N CYS A 38 2.15 6.87 -7.20
CA CYS A 38 0.86 6.51 -7.80
CA CYS A 38 0.87 6.49 -7.80
C CYS A 38 0.71 7.06 -9.21
N GLU A 39 1.29 8.22 -9.49
CA GLU A 39 1.19 8.77 -10.84
C GLU A 39 2.12 8.10 -11.83
N GLU A 40 3.23 7.52 -11.38
CA GLU A 40 4.21 6.91 -12.27
C GLU A 40 3.98 5.42 -12.52
N HIS A 41 3.01 4.79 -11.85
CA HIS A 41 2.69 3.39 -12.06
C HIS A 41 1.19 3.24 -12.31
N GLN A 42 0.81 2.29 -13.17
CA GLN A 42 -0.61 2.12 -13.50
C GLN A 42 -1.44 1.86 -12.26
N LEU A 43 -0.93 1.05 -11.36
CA LEU A 43 -1.60 0.71 -10.12
C LEU A 43 -0.60 0.88 -9.00
N CYS A 44 -1.04 1.38 -7.85
CA CYS A 44 -0.18 1.47 -6.67
CA CYS A 44 -0.18 1.47 -6.67
C CYS A 44 -0.83 0.74 -5.52
N VAL A 45 -0.08 -0.19 -4.92
CA VAL A 45 -0.54 -0.97 -3.78
C VAL A 45 -0.17 -0.21 -2.52
N VAL A 46 -1.16 0.02 -1.66
CA VAL A 46 -0.96 0.77 -0.43
C VAL A 46 -1.29 -0.16 0.73
N ALA A 47 -0.30 -0.44 1.57
CA ALA A 47 -0.48 -1.26 2.76
C ALA A 47 -0.48 -0.37 3.99
N VAL A 48 -1.51 -0.47 4.81
CA VAL A 48 -1.58 0.23 6.08
C VAL A 48 -1.36 -0.82 7.16
N LEU A 49 -0.17 -0.82 7.75
CA LEU A 49 0.21 -1.82 8.74
C LEU A 49 -0.19 -1.36 10.13
N PRO A 50 -0.25 -2.28 11.08
CA PRO A 50 -0.62 -1.88 12.45
C PRO A 50 0.43 -0.94 13.03
N HIS A 51 0.00 -0.18 14.03
CA HIS A 51 0.95 0.63 14.80
C HIS A 51 2.10 -0.24 15.30
N ILE A 52 3.30 0.33 15.31
CA ILE A 52 4.49 -0.42 15.69
C ILE A 52 4.36 -1.03 17.07
N LEU A 53 3.60 -0.41 17.98
CA LEU A 53 3.47 -0.97 19.31
C LEU A 53 2.60 -2.22 19.33
N ASP A 54 1.82 -2.46 18.27
CA ASP A 54 1.04 -3.69 18.16
C ASP A 54 1.88 -4.85 17.65
N THR A 55 2.72 -4.62 16.64
CA THR A 55 3.49 -5.70 16.01
C THR A 55 4.92 -5.80 16.49
N GLY A 56 5.51 -4.69 16.94
CA GLY A 56 6.95 -4.66 17.07
C GLY A 56 7.61 -4.79 15.72
N ALA A 57 8.94 -4.84 15.70
CA ALA A 57 9.66 -5.01 14.44
C ALA A 57 9.37 -6.36 13.81
N ALA A 58 9.33 -7.42 14.62
CA ALA A 58 9.17 -8.76 14.05
C ALA A 58 7.86 -8.87 13.27
N GLY A 59 6.76 -8.42 13.87
CA GLY A 59 5.48 -8.49 13.18
C GLY A 59 5.41 -7.57 11.98
N ARG A 60 5.99 -6.37 12.09
CA ARG A 60 5.99 -5.47 10.94
C ARG A 60 6.81 -6.05 9.80
N ASN A 61 7.97 -6.63 10.11
CA ASN A 61 8.81 -7.22 9.07
C ASN A 61 8.15 -8.42 8.42
N SER A 62 7.34 -9.18 9.16
CA SER A 62 6.59 -10.27 8.55
C SER A 62 5.69 -9.73 7.44
N TYR A 63 5.00 -8.61 7.70
CA TYR A 63 4.15 -8.01 6.68
C TYR A 63 4.98 -7.43 5.54
N LEU A 64 6.06 -6.72 5.87
CA LEU A 64 6.90 -6.15 4.81
C LEU A 64 7.50 -7.24 3.95
N GLU A 65 7.88 -8.38 4.55
CA GLU A 65 8.46 -9.47 3.77
C GLU A 65 7.44 -10.04 2.80
N VAL A 66 6.16 -10.08 3.18
CA VAL A 66 5.12 -10.51 2.24
C VAL A 66 5.03 -9.54 1.07
N LEU A 67 5.07 -8.24 1.35
CA LEU A 67 4.98 -7.25 0.28
C LEU A 67 6.18 -7.32 -0.65
N LEU A 68 7.38 -7.48 -0.08
CA LEU A 68 8.58 -7.58 -0.91
C LEU A 68 8.54 -8.80 -1.81
N LYS A 69 8.04 -9.93 -1.30
CA LYS A 69 7.99 -11.13 -2.12
C LYS A 69 7.00 -10.96 -3.26
N LEU A 70 5.83 -10.38 -2.98
CA LEU A 70 4.84 -10.21 -4.03
C LEU A 70 5.23 -9.11 -5.01
N ALA A 71 5.94 -8.09 -4.54
CA ALA A 71 6.46 -7.09 -5.46
C ALA A 71 7.39 -7.73 -6.47
N ASP A 72 8.23 -8.67 -6.03
CA ASP A 72 9.07 -9.39 -6.97
C ASP A 72 8.24 -10.26 -7.90
N LYS A 73 7.26 -10.99 -7.36
CA LYS A 73 6.44 -11.85 -8.19
C LYS A 73 5.75 -11.06 -9.29
N TYR A 74 5.33 -9.83 -8.98
CA TYR A 74 4.57 -9.00 -9.90
C TYR A 74 5.42 -7.90 -10.53
N LYS A 75 6.74 -8.06 -10.56
CA LYS A 75 7.60 -6.96 -10.99
C LYS A 75 7.33 -6.56 -12.43
N LYS A 76 6.86 -7.48 -13.27
CA LYS A 76 6.64 -7.15 -14.66
C LYS A 76 5.39 -6.29 -14.86
N LYS A 77 4.50 -6.23 -13.87
CA LYS A 77 3.36 -5.32 -13.96
C LYS A 77 3.78 -3.87 -13.75
N MET A 78 4.97 -3.64 -13.21
CA MET A 78 5.50 -2.30 -12.95
C MET A 78 4.52 -1.48 -12.12
N TRP A 79 4.06 -2.09 -11.03
CA TRP A 79 3.19 -1.41 -10.09
C TRP A 79 4.02 -0.68 -9.03
N GLY A 80 3.36 0.26 -8.36
CA GLY A 80 3.96 0.93 -7.22
C GLY A 80 3.59 0.25 -5.91
N TRP A 81 4.47 0.44 -4.92
CA TRP A 81 4.31 -0.21 -3.63
C TRP A 81 4.58 0.80 -2.52
N LEU A 82 3.57 1.05 -1.69
CA LEU A 82 3.65 2.00 -0.59
C LEU A 82 3.17 1.33 0.69
N TRP A 83 3.73 1.74 1.81
CA TRP A 83 3.23 1.29 3.10
C TRP A 83 3.27 2.42 4.11
N THR A 84 2.35 2.37 5.06
CA THR A 84 2.31 3.33 6.14
C THR A 84 1.84 2.62 7.41
N GLU A 85 1.82 3.37 8.50
CA GLU A 85 1.45 2.90 9.82
C GLU A 85 0.06 3.42 10.17
N ALA A 86 -0.73 2.58 10.84
CA ALA A 86 -2.07 2.96 11.27
C ALA A 86 -2.03 4.33 11.95
N GLY A 87 -2.89 5.23 11.49
CA GLY A 87 -2.99 6.56 12.06
C GLY A 87 -1.99 7.57 11.56
N ALA A 88 -0.92 7.13 10.88
CA ALA A 88 0.10 8.08 10.42
C ALA A 88 -0.41 8.93 9.26
N GLN A 89 -1.33 8.41 8.45
CA GLN A 89 -1.87 9.12 7.29
C GLN A 89 -3.40 9.04 7.37
N SER A 90 -3.97 9.68 8.39
CA SER A 90 -5.40 9.52 8.65
C SER A 90 -6.24 9.95 7.45
N GLU A 91 -5.88 11.04 6.78
CA GLU A 91 -6.69 11.49 5.65
C GLU A 91 -6.64 10.49 4.51
N LEU A 92 -5.50 9.83 4.32
CA LEU A 92 -5.41 8.78 3.32
C LEU A 92 -6.32 7.61 3.69
N GLU A 93 -6.31 7.21 4.96
CA GLU A 93 -7.20 6.13 5.40
C GLU A 93 -8.66 6.50 5.13
N THR A 94 -9.07 7.70 5.52
CA THR A 94 -10.46 8.11 5.30
C THR A 94 -10.81 8.01 3.82
N ALA A 95 -9.94 8.53 2.95
CA ALA A 95 -10.24 8.56 1.53
C ALA A 95 -10.37 7.15 0.95
N LEU A 96 -9.77 6.16 1.60
CA LEU A 96 -9.81 4.78 1.16
C LEU A 96 -10.77 3.92 1.97
N GLY A 97 -11.50 4.52 2.91
CA GLY A 97 -12.42 3.75 3.74
C GLY A 97 -11.72 2.79 4.67
N ILE A 98 -10.49 3.12 5.07
CA ILE A 98 -9.71 2.26 5.95
C ILE A 98 -9.77 2.82 7.37
N GLY A 99 -9.72 1.91 8.35
CA GLY A 99 -9.62 2.31 9.74
C GLY A 99 -10.66 1.64 10.63
N GLY A 100 -11.79 1.28 10.04
CA GLY A 100 -12.90 0.72 10.79
C GLY A 100 -12.90 -0.78 10.97
N PHE A 101 -12.05 -1.50 10.23
CA PHE A 101 -11.95 -2.95 10.36
C PHE A 101 -10.55 -3.39 10.77
N GLY A 102 -9.84 -2.54 11.51
CA GLY A 102 -8.55 -2.92 12.05
C GLY A 102 -7.44 -2.92 11.02
N TYR A 103 -6.29 -3.43 11.45
CA TYR A 103 -5.09 -3.43 10.64
C TYR A 103 -4.42 -4.80 10.74
N PRO A 104 -3.65 -5.20 9.70
CA PRO A 104 -3.35 -4.44 8.48
C PRO A 104 -4.52 -4.35 7.49
N ALA A 105 -4.44 -3.37 6.59
CA ALA A 105 -5.41 -3.19 5.52
C ALA A 105 -4.64 -2.89 4.25
N MET A 106 -5.28 -3.10 3.10
CA MET A 106 -4.62 -2.88 1.82
C MET A 106 -5.60 -2.34 0.80
N ALA A 107 -5.15 -1.32 0.07
CA ALA A 107 -5.87 -0.80 -1.08
C ALA A 107 -4.97 -0.84 -2.30
N ALA A 108 -5.58 -0.97 -3.46
CA ALA A 108 -4.89 -0.80 -4.74
C ALA A 108 -5.55 0.38 -5.45
N ILE A 109 -4.75 1.40 -5.77
CA ILE A 109 -5.24 2.63 -6.35
C ILE A 109 -4.88 2.68 -7.83
N ASN A 110 -5.85 3.03 -8.66
CA ASN A 110 -5.65 3.39 -10.05
C ASN A 110 -5.69 4.91 -10.10
N ALA A 111 -4.53 5.55 -10.14
CA ALA A 111 -4.48 7.01 -10.04
C ALA A 111 -5.17 7.66 -11.23
N ARG A 112 -4.98 7.10 -12.43
CA ARG A 112 -5.50 7.73 -13.64
C ARG A 112 -7.01 7.90 -13.58
N LYS A 113 -7.71 6.87 -13.10
CA LYS A 113 -9.16 6.92 -12.94
C LYS A 113 -9.58 7.27 -11.52
N MET A 114 -8.62 7.51 -10.63
CA MET A 114 -8.89 7.95 -9.27
C MET A 114 -9.91 7.03 -8.60
N LYS A 115 -9.60 5.73 -8.64
CA LYS A 115 -10.45 4.72 -8.02
C LYS A 115 -9.57 3.69 -7.34
N PHE A 116 -10.19 2.87 -6.49
CA PHE A 116 -9.41 1.94 -5.69
C PHE A 116 -10.26 0.71 -5.37
N ALA A 117 -9.56 -0.37 -5.04
CA ALA A 117 -10.15 -1.57 -4.51
C ALA A 117 -9.47 -1.91 -3.20
N LEU A 118 -10.21 -2.54 -2.29
CA LEU A 118 -9.71 -2.94 -0.98
C LEU A 118 -9.51 -4.44 -0.94
N LEU A 119 -8.41 -4.85 -0.31
CA LEU A 119 -8.20 -6.25 -0.01
C LEU A 119 -9.30 -6.74 0.92
N LYS A 120 -9.93 -7.85 0.55
CA LYS A 120 -10.97 -8.46 1.37
C LYS A 120 -10.58 -9.81 1.92
N GLY A 121 -9.51 -10.42 1.42
CA GLY A 121 -8.97 -11.64 1.98
C GLY A 121 -7.97 -11.35 3.08
N SER A 122 -7.31 -12.42 3.53
CA SER A 122 -6.30 -12.28 4.57
C SER A 122 -5.11 -11.47 4.07
N PHE A 123 -4.49 -10.74 5.00
CA PHE A 123 -3.25 -10.03 4.72
C PHE A 123 -2.11 -11.04 4.83
N SER A 124 -2.02 -11.88 3.81
CA SER A 124 -1.05 -12.95 3.76
C SER A 124 -0.60 -13.11 2.31
N GLU A 125 0.44 -13.92 2.11
CA GLU A 125 0.92 -14.15 0.76
C GLU A 125 -0.20 -14.70 -0.11
N GLN A 126 -0.96 -15.67 0.40
CA GLN A 126 -2.06 -16.25 -0.38
C GLN A 126 -3.17 -15.22 -0.60
N GLY A 127 -3.54 -14.50 0.45
CA GLY A 127 -4.66 -13.56 0.34
C GLY A 127 -4.35 -12.39 -0.57
N ILE A 128 -3.18 -11.79 -0.41
CA ILE A 128 -2.82 -10.65 -1.26
C ILE A 128 -2.62 -11.11 -2.70
N ASN A 129 -2.03 -12.29 -2.88
CA ASN A 129 -1.81 -12.80 -4.23
C ASN A 129 -3.13 -12.94 -4.97
N GLU A 130 -4.15 -13.51 -4.31
CA GLU A 130 -5.48 -13.60 -4.91
C GLU A 130 -6.02 -12.22 -5.24
N PHE A 131 -5.85 -11.26 -4.33
CA PHE A 131 -6.26 -9.88 -4.58
C PHE A 131 -5.55 -9.32 -5.80
N LEU A 132 -4.22 -9.46 -5.86
CA LEU A 132 -3.47 -8.90 -6.99
C LEU A 132 -3.81 -9.60 -8.29
N ARG A 133 -3.95 -10.93 -8.24
CA ARG A 133 -4.29 -11.70 -9.44
C ARG A 133 -5.58 -11.19 -10.06
N GLU A 134 -6.60 -10.98 -9.23
CA GLU A 134 -7.85 -10.39 -9.72
C GLU A 134 -7.57 -9.04 -10.39
N LEU A 135 -6.72 -8.23 -9.79
CA LEU A 135 -6.39 -6.92 -10.35
C LEU A 135 -5.63 -7.04 -11.67
N SER A 136 -4.65 -7.95 -11.73
CA SER A 136 -3.94 -8.17 -12.98
C SER A 136 -4.90 -8.58 -14.09
N PHE A 137 -5.91 -9.38 -13.75
CA PHE A 137 -6.97 -9.72 -14.68
C PHE A 137 -8.02 -8.61 -14.80
N GLY A 138 -7.86 -7.52 -14.05
CA GLY A 138 -8.77 -6.40 -14.16
C GLY A 138 -10.23 -6.78 -13.97
N ARG A 139 -10.49 -7.67 -13.02
CA ARG A 139 -11.86 -8.12 -12.76
C ARG A 139 -12.16 -8.07 -11.26
N GLY A 140 -12.04 -6.88 -10.69
CA GLY A 140 -12.40 -6.67 -9.30
C GLY A 140 -13.22 -5.40 -9.14
N SER A 141 -13.90 -5.32 -7.99
CA SER A 141 -14.76 -4.18 -7.69
C SER A 141 -13.91 -2.98 -7.27
N THR A 142 -14.31 -1.78 -7.72
CA THR A 142 -13.61 -0.56 -7.35
C THR A 142 -14.61 0.47 -6.85
N ALA A 143 -14.07 1.53 -6.24
CA ALA A 143 -14.84 2.67 -5.79
C ALA A 143 -14.01 3.92 -6.02
N PRO A 144 -14.65 5.08 -6.16
CA PRO A 144 -13.89 6.31 -6.28
C PRO A 144 -13.11 6.61 -5.02
N VAL A 145 -11.85 7.03 -5.19
CA VAL A 145 -11.12 7.59 -4.06
C VAL A 145 -11.94 8.73 -3.49
N GLY A 146 -12.05 8.76 -2.15
CA GLY A 146 -12.87 9.76 -1.50
C GLY A 146 -12.60 11.17 -1.98
N GLY A 147 -13.64 11.85 -2.44
CA GLY A 147 -13.50 13.21 -2.92
C GLY A 147 -12.95 13.33 -4.32
N GLY A 148 -12.66 12.21 -4.98
CA GLY A 148 -12.21 12.26 -6.37
C GLY A 148 -10.88 12.93 -6.57
N ALA A 149 -10.06 12.99 -5.53
CA ALA A 149 -8.74 13.60 -5.62
C ALA A 149 -7.79 12.83 -4.73
N PHE A 150 -6.50 12.99 -4.99
CA PHE A 150 -5.52 12.30 -4.18
C PHE A 150 -5.51 12.93 -2.79
N PRO A 151 -5.55 12.14 -1.72
CA PRO A 151 -5.68 12.73 -0.38
C PRO A 151 -4.43 13.49 0.04
N THR A 152 -4.63 14.38 1.01
CA THR A 152 -3.51 15.07 1.63
C THR A 152 -2.64 14.06 2.37
N ILE A 153 -1.31 14.23 2.23
CA ILE A 153 -0.33 13.36 2.84
C ILE A 153 0.54 14.19 3.76
N VAL A 154 0.76 13.71 4.98
CA VAL A 154 1.53 14.42 5.99
C VAL A 154 2.95 13.87 6.00
N GLU A 155 3.89 14.73 6.40
CA GLU A 155 5.28 14.35 6.46
C GLU A 155 5.55 13.54 7.73
N ARG A 156 6.28 12.44 7.58
CA ARG A 156 6.57 11.54 8.70
C ARG A 156 8.04 11.16 8.65
N GLU A 157 8.63 10.95 9.83
CA GLU A 157 9.98 10.41 9.88
C GLU A 157 9.95 8.93 9.55
N PRO A 158 10.95 8.41 8.82
CA PRO A 158 10.94 6.98 8.50
C PRO A 158 11.10 6.12 9.74
N TRP A 159 10.46 4.95 9.69
CA TRP A 159 10.60 3.97 10.76
C TRP A 159 12.06 3.55 10.91
N ASP A 160 12.54 3.59 12.15
CA ASP A 160 13.92 3.22 12.46
C ASP A 160 14.13 1.72 12.50
N GLY A 161 13.09 0.92 12.28
CA GLY A 161 13.25 -0.52 12.29
C GLY A 161 13.23 -1.19 13.65
N ARG A 162 12.92 -0.46 14.72
CA ARG A 162 12.90 -1.02 16.06
C ARG A 162 11.44 -1.27 16.52
N ASP A 163 11.25 -1.53 17.81
CA ASP A 163 9.95 -1.96 18.33
C ASP A 163 9.10 -0.80 18.84
N GLY A 164 9.43 0.44 18.48
CA GLY A 164 8.70 1.58 19.01
C GLY A 164 8.99 1.78 20.48
N GLU A 165 8.35 2.81 21.04
CA GLU A 165 8.55 3.19 22.43
C GLU A 165 7.23 3.12 23.18
N LEU A 166 7.25 2.45 24.34
CA LEU A 166 6.10 2.18 25.21
C LEU A 166 5.73 0.70 25.10
#